data_8B57
#
_entry.id   8B57
#
_cell.length_a   162.030
_cell.length_b   162.030
_cell.length_c   162.030
_cell.angle_alpha   90.00
_cell.angle_beta   90.00
_cell.angle_gamma   90.00
#
_symmetry.space_group_name_H-M   'I 2 3'
#
loop_
_entity.id
_entity.type
_entity.pdbx_description
1 polymer 'Prolyl Endoprotease from Aspergillus niger CBS 109712'
2 branched 2-acetamido-2-deoxy-beta-D-glucopyranose-(1-4)-2-acetamido-2-deoxy-beta-D-glucopyranose
3 branched alpha-D-mannopyranose-(1-2)-alpha-D-mannopyranose-(1-2)-alpha-D-mannopyranose-(1-3)-[alpha-D-mannopyranose-(1-2)-alpha-D-mannopyranose-(1-3)-[alpha-D-mannopyranose-(1-6)]alpha-D-mannopyranose-(1-6)]beta-D-mannopyranose-(1-4)-2-acetamido-2-deoxy-beta-D-glucopyranose-(1-4)-2-acetamido-2-deoxy-beta-D-glucopyranose
4 branched beta-D-mannopyranose-(1-4)-2-acetamido-2-deoxy-beta-D-glucopyranose-(1-4)-2-acetamido-2-deoxy-beta-D-glucopyranose
5 non-polymer 2-acetamido-2-deoxy-beta-D-glucopyranose
6 non-polymer GLYCEROL
7 non-polymer DI(HYDROXYETHYL)ETHER
8 non-polymer 'TETRAETHYLENE GLYCOL'
9 non-polymer 'PENTAETHYLENE GLYCOL'
10 water water
#
_entity_poly.entity_id   1
_entity_poly.type   'polypeptide(L)'
_entity_poly.pdbx_seq_one_letter_code
;ATTGEAYFEQLLDHHNPEKGTFSQRYWWSTEYWGGPGSPVVLFTPGEVSADGYEGYLTNETLTGVYAQEIQGAVILIEHR
YWGDSSPYEVLNAETLQYLTLDQAILDMTYFAETVKLQFDNSTRSNAQNAPWVMVGGSYSGALTAWTESVAPGTFWAYHA
TSAPVEAIYDYWQYFYPIQQGMAQNCSKDVSLVAEYVDKIGKNGTAKEQQALKELFGLGAVEHFDDFAAVLPNGPYLWQD
NDFATGYSSFFQFCDAVEGVEAGAAVTPGPEGVGLEKALANYANWFNSTILPDYCASYGYWTDEWSVACFDSYNASSPIY
TDTSVGNAVDRQWEWFLCNEPFFYWQDGAPEGTSTIVPRLVSASYWQRQCPLYFPETNGYTYGSAKGKNAATVNSWTGGW
DMTRNTTRLIWTNGQYDPWRDSGVSSTFRPGGPLASTANEPVQIIPGGFHCSDLYMADYYANEGVKKVVDNEVKQIKEWV
EEYYA
;
_entity_poly.pdbx_strand_id   A
#
loop_
_chem_comp.id
_chem_comp.type
_chem_comp.name
_chem_comp.formula
1PE non-polymer 'PENTAETHYLENE GLYCOL' 'C10 H22 O6'
BMA D-saccharide, beta linking beta-D-mannopyranose 'C6 H12 O6'
GOL non-polymer GLYCEROL 'C3 H8 O3'
MAN D-saccharide, alpha linking alpha-D-mannopyranose 'C6 H12 O6'
NAG D-saccharide, beta linking 2-acetamido-2-deoxy-beta-D-glucopyranose 'C8 H15 N O6'
PEG non-polymer DI(HYDROXYETHYL)ETHER 'C4 H10 O3'
PG4 non-polymer 'TETRAETHYLENE GLYCOL' 'C8 H18 O5'
#
# COMPACT_ATOMS: atom_id res chain seq x y z
N ALA A 1 -12.13 -21.51 23.15
CA ALA A 1 -12.58 -22.07 21.83
C ALA A 1 -12.97 -20.93 20.85
N THR A 2 -12.84 -21.21 19.54
CA THR A 2 -13.30 -20.35 18.42
C THR A 2 -12.38 -19.17 18.04
N THR A 3 -12.16 -18.26 19.01
CA THR A 3 -11.39 -17.04 18.78
C THR A 3 -10.51 -16.67 19.97
N GLY A 4 -9.45 -15.92 19.71
CA GLY A 4 -8.50 -15.54 20.75
C GLY A 4 -7.40 -14.60 20.31
N GLU A 5 -6.67 -14.10 21.31
CA GLU A 5 -5.50 -13.23 21.16
C GLU A 5 -4.33 -13.86 21.93
N ALA A 6 -3.11 -13.66 21.44
CA ALA A 6 -1.92 -14.06 22.18
C ALA A 6 -0.72 -13.28 21.71
N TYR A 7 0.41 -13.52 22.39
CA TYR A 7 1.74 -12.94 22.10
C TYR A 7 2.68 -14.07 21.73
N PHE A 8 3.49 -13.83 20.70
CA PHE A 8 4.48 -14.76 20.22
C PHE A 8 5.81 -14.09 20.48
N GLU A 9 6.81 -14.87 20.88
CA GLU A 9 8.15 -14.34 21.14
C GLU A 9 9.00 -14.42 19.88
N GLN A 10 8.90 -13.36 19.06
CA GLN A 10 9.59 -13.22 17.79
C GLN A 10 11.08 -12.81 17.93
N LEU A 11 11.93 -13.39 17.09
CA LEU A 11 13.35 -13.09 17.07
C LEU A 11 13.57 -11.67 16.58
N LEU A 12 14.26 -10.87 17.39
CA LEU A 12 14.72 -9.54 16.98
C LEU A 12 15.54 -9.56 15.67
N ASP A 13 16.61 -10.36 15.64
CA ASP A 13 17.45 -10.51 14.47
C ASP A 13 17.58 -12.00 14.10
N HIS A 14 16.87 -12.40 13.05
CA HIS A 14 16.88 -13.79 12.58
C HIS A 14 18.26 -14.35 12.24
N HIS A 15 19.24 -13.47 12.00
CA HIS A 15 20.63 -13.87 11.72
C HIS A 15 21.48 -13.96 12.97
N ASN A 16 20.99 -13.38 14.07
CA ASN A 16 21.65 -13.43 15.38
C ASN A 16 20.69 -13.73 16.54
N PRO A 17 20.25 -15.02 16.62
CA PRO A 17 19.28 -15.45 17.63
C PRO A 17 19.59 -14.90 19.02
N GLU A 18 20.88 -14.87 19.40
CA GLU A 18 21.28 -14.48 20.74
C GLU A 18 20.96 -13.04 21.18
N LYS A 19 20.60 -12.18 20.23
CA LYS A 19 20.17 -10.83 20.50
C LYS A 19 18.78 -10.72 21.14
N GLY A 20 18.01 -11.81 21.07
CA GLY A 20 16.84 -12.04 21.89
C GLY A 20 15.53 -11.89 21.16
N THR A 21 14.43 -11.89 21.94
CA THR A 21 13.08 -11.84 21.40
C THR A 21 12.32 -10.58 21.80
N PHE A 22 11.22 -10.34 21.08
CA PHE A 22 10.23 -9.33 21.44
C PHE A 22 8.85 -9.89 21.20
N SER A 23 7.85 -9.24 21.84
CA SER A 23 6.46 -9.64 21.79
C SER A 23 5.73 -9.11 20.59
N GLN A 24 5.09 -10.04 19.89
CA GLN A 24 4.39 -9.78 18.66
C GLN A 24 2.97 -10.33 18.85
N ARG A 25 1.98 -9.44 18.70
CA ARG A 25 0.54 -9.73 18.86
C ARG A 25 0.03 -10.54 17.64
N TYR A 26 -0.76 -11.59 17.87
CA TYR A 26 -1.51 -12.30 16.80
C TYR A 26 -2.91 -12.70 17.31
N TRP A 27 -3.82 -12.93 16.37
CA TRP A 27 -5.18 -13.36 16.67
C TRP A 27 -5.49 -14.60 15.85
N TRP A 28 -6.38 -15.43 16.38
CA TRP A 28 -6.75 -16.66 15.69
C TRP A 28 -8.26 -16.92 15.71
N SER A 29 -8.71 -17.72 14.74
CA SER A 29 -10.07 -18.22 14.74
C SER A 29 -10.14 -19.65 14.21
N THR A 30 -10.86 -20.51 14.94
CA THR A 30 -11.08 -21.88 14.52
C THR A 30 -12.48 -22.07 13.97
N GLU A 31 -13.16 -20.98 13.64
CA GLU A 31 -14.58 -21.04 13.30
C GLU A 31 -14.88 -22.08 12.23
N TYR A 32 -13.99 -22.19 11.24
CA TYR A 32 -14.13 -23.07 10.06
C TYR A 32 -13.12 -24.22 10.13
N TRP A 33 -12.32 -24.28 11.21
CA TRP A 33 -11.23 -25.24 11.39
C TRP A 33 -11.72 -26.69 11.49
N GLY A 34 -11.06 -27.61 10.77
CA GLY A 34 -11.47 -28.99 10.70
C GLY A 34 -10.87 -29.87 11.79
N GLY A 35 -9.91 -29.33 12.54
CA GLY A 35 -9.24 -30.04 13.61
C GLY A 35 -7.76 -30.25 13.33
N PRO A 36 -7.03 -30.94 14.24
CA PRO A 36 -5.57 -31.11 14.12
C PRO A 36 -5.14 -31.65 12.75
N GLY A 37 -4.16 -31.01 12.11
CA GLY A 37 -3.72 -31.38 10.78
C GLY A 37 -4.44 -30.68 9.64
N SER A 38 -5.55 -29.98 9.94
CA SER A 38 -6.25 -29.13 8.98
C SER A 38 -5.36 -27.97 8.54
N PRO A 39 -5.69 -27.26 7.45
CA PRO A 39 -4.90 -26.11 7.02
C PRO A 39 -4.97 -24.91 7.98
N VAL A 40 -4.16 -23.89 7.67
CA VAL A 40 -4.06 -22.63 8.37
C VAL A 40 -3.84 -21.52 7.33
N VAL A 41 -4.64 -20.46 7.44
CA VAL A 41 -4.43 -19.25 6.67
C VAL A 41 -3.79 -18.17 7.56
N LEU A 42 -2.69 -17.60 7.07
CA LEU A 42 -1.95 -16.55 7.76
C LEU A 42 -1.93 -15.28 6.93
N PHE A 43 -2.09 -14.14 7.61
CA PHE A 43 -2.24 -12.81 7.02
C PHE A 43 -1.76 -11.79 8.04
N THR A 44 -1.00 -10.80 7.56
CA THR A 44 -0.72 -9.58 8.31
C THR A 44 -1.31 -8.37 7.57
N PRO A 45 -1.86 -7.37 8.30
CA PRO A 45 -2.28 -6.11 7.67
C PRO A 45 -1.12 -5.40 6.96
N GLY A 46 0.12 -5.68 7.40
CA GLY A 46 1.31 -5.05 6.87
C GLY A 46 1.60 -3.78 7.63
N GLU A 47 1.82 -2.69 6.90
CA GLU A 47 2.37 -1.45 7.43
C GLU A 47 1.42 -0.65 8.32
N VAL A 48 0.80 -1.30 9.29
CA VAL A 48 -0.16 -0.61 10.15
C VAL A 48 -0.44 -1.44 11.38
N SER A 49 -0.78 -0.78 12.48
CA SER A 49 -1.30 -1.44 13.66
C SER A 49 -2.42 -2.36 13.25
N ALA A 50 -2.48 -3.53 13.87
CA ALA A 50 -3.50 -4.49 13.56
C ALA A 50 -4.90 -4.16 14.15
N ASP A 51 -5.01 -3.12 14.98
CA ASP A 51 -6.29 -2.74 15.60
C ASP A 51 -7.35 -2.53 14.55
N GLY A 52 -8.54 -3.10 14.81
CA GLY A 52 -9.67 -3.01 13.91
C GLY A 52 -9.65 -3.86 12.66
N TYR A 53 -8.67 -4.77 12.54
CA TYR A 53 -8.50 -5.70 11.40
C TYR A 53 -9.11 -7.08 11.70
N GLU A 54 -9.85 -7.22 12.80
CA GLU A 54 -10.48 -8.50 13.17
C GLU A 54 -11.36 -9.14 12.07
N GLY A 55 -11.89 -8.30 11.16
CA GLY A 55 -12.66 -8.72 10.01
C GLY A 55 -12.00 -9.75 9.11
N TYR A 56 -10.67 -9.75 9.05
CA TYR A 56 -9.85 -10.66 8.20
C TYR A 56 -9.88 -12.09 8.74
N LEU A 57 -10.41 -12.28 9.95
CA LEU A 57 -10.65 -13.59 10.49
C LEU A 57 -12.01 -14.20 10.06
N THR A 58 -12.84 -13.42 9.36
CA THR A 58 -14.20 -13.79 8.98
C THR A 58 -14.30 -13.93 7.46
N ASN A 59 -15.35 -14.59 7.00
CA ASN A 59 -15.62 -14.72 5.57
C ASN A 59 -16.26 -13.48 4.90
N GLU A 60 -16.26 -12.33 5.60
CA GLU A 60 -16.43 -11.02 4.94
C GLU A 60 -15.18 -10.60 4.17
N THR A 61 -14.07 -11.31 4.42
CA THR A 61 -12.80 -11.16 3.71
C THR A 61 -12.36 -12.45 3.02
N LEU A 62 -11.44 -12.29 2.07
CA LEU A 62 -10.90 -13.38 1.29
C LEU A 62 -10.12 -14.39 2.17
N THR A 63 -9.47 -13.89 3.24
CA THR A 63 -8.76 -14.79 4.15
C THR A 63 -9.73 -15.77 4.81
N GLY A 64 -10.83 -15.26 5.35
CA GLY A 64 -11.83 -16.10 5.98
C GLY A 64 -12.52 -17.07 5.02
N VAL A 65 -12.70 -16.64 3.77
CA VAL A 65 -13.30 -17.45 2.72
C VAL A 65 -12.44 -18.66 2.36
N TYR A 66 -11.13 -18.42 2.23
CA TYR A 66 -10.10 -19.47 2.01
C TYR A 66 -10.25 -20.51 3.13
N ALA A 67 -10.12 -20.04 4.39
CA ALA A 67 -10.31 -20.86 5.59
C ALA A 67 -11.60 -21.67 5.52
N GLN A 68 -12.69 -20.99 5.18
CA GLN A 68 -13.99 -21.68 5.08
C GLN A 68 -13.95 -22.76 4.01
N GLU A 69 -13.38 -22.44 2.85
CA GLU A 69 -13.35 -23.37 1.73
C GLU A 69 -12.43 -24.55 1.93
N ILE A 70 -11.42 -24.42 2.79
CA ILE A 70 -10.48 -25.52 3.04
C ILE A 70 -10.50 -26.08 4.45
N GLN A 71 -11.49 -25.68 5.25
CA GLN A 71 -11.68 -26.18 6.62
C GLN A 71 -10.47 -25.84 7.51
N GLY A 72 -9.94 -24.64 7.33
CA GLY A 72 -8.72 -24.21 8.01
C GLY A 72 -8.97 -23.22 9.13
N ALA A 73 -7.93 -23.05 9.97
CA ALA A 73 -7.87 -21.98 10.96
C ALA A 73 -7.41 -20.72 10.26
N VAL A 74 -7.65 -19.57 10.89
CA VAL A 74 -7.15 -18.30 10.36
C VAL A 74 -6.45 -17.50 11.46
N ILE A 75 -5.27 -16.99 11.12
CA ILE A 75 -4.41 -16.27 12.02
C ILE A 75 -4.08 -14.94 11.39
N LEU A 76 -4.35 -13.87 12.14
CA LEU A 76 -3.92 -12.54 11.82
C LEU A 76 -2.71 -12.24 12.73
N ILE A 77 -1.58 -11.89 12.11
CA ILE A 77 -0.34 -11.51 12.81
C ILE A 77 0.00 -10.02 12.55
N GLU A 78 0.28 -9.29 13.62
CA GLU A 78 0.68 -7.89 13.54
C GLU A 78 2.13 -7.87 13.16
N HIS A 79 2.44 -7.04 12.15
CA HIS A 79 3.78 -6.88 11.59
C HIS A 79 4.66 -6.22 12.64
N ARG A 80 5.92 -6.66 12.73
CA ARG A 80 6.94 -6.08 13.64
C ARG A 80 7.03 -4.56 13.41
N TYR A 81 7.19 -3.83 14.52
CA TYR A 81 7.38 -2.35 14.65
C TYR A 81 6.06 -1.57 14.59
N TRP A 82 4.90 -2.24 14.42
CA TRP A 82 3.56 -1.62 14.47
C TRP A 82 2.71 -2.10 15.66
N GLY A 83 1.84 -1.21 16.14
CA GLY A 83 0.89 -1.53 17.22
C GLY A 83 1.59 -1.91 18.52
N ASP A 84 1.26 -3.11 19.02
CA ASP A 84 1.86 -3.70 20.23
C ASP A 84 2.95 -4.73 19.91
N SER A 85 3.49 -4.65 18.70
CA SER A 85 4.45 -5.61 18.20
C SER A 85 5.79 -4.97 17.78
N SER A 86 6.14 -3.84 18.44
CA SER A 86 7.43 -3.16 18.28
C SER A 86 8.42 -3.55 19.36
N PRO A 87 9.67 -3.94 19.02
CA PRO A 87 10.67 -4.20 20.05
C PRO A 87 11.21 -2.92 20.72
N TYR A 88 10.90 -1.72 20.20
CA TYR A 88 11.40 -0.43 20.74
C TYR A 88 10.25 0.59 20.82
N GLU A 89 10.28 1.43 21.86
CA GLU A 89 9.30 2.47 22.06
C GLU A 89 9.67 3.73 21.30
N VAL A 90 10.96 3.88 20.97
CA VAL A 90 11.43 5.03 20.21
C VAL A 90 11.97 4.54 18.88
N LEU A 91 11.48 5.16 17.79
CA LEU A 91 11.83 4.80 16.41
C LEU A 91 12.68 5.88 15.69
N ASN A 92 13.99 5.61 15.61
CA ASN A 92 14.95 6.41 14.88
C ASN A 92 15.88 5.48 14.08
N ALA A 93 16.83 6.08 13.35
CA ALA A 93 17.71 5.35 12.43
C ALA A 93 18.44 4.15 13.05
N GLU A 94 18.77 4.24 14.35
CA GLU A 94 19.42 3.13 15.08
C GLU A 94 18.45 1.98 15.41
N THR A 95 17.30 2.33 16.03
CA THR A 95 16.31 1.34 16.46
C THR A 95 15.54 0.72 15.32
N LEU A 96 15.52 1.42 14.17
CA LEU A 96 14.82 0.95 13.01
C LEU A 96 15.63 -0.02 12.19
N GLN A 97 16.91 -0.20 12.56
CA GLN A 97 17.84 -1.05 11.82
C GLN A 97 17.33 -2.49 11.67
N TYR A 98 16.44 -2.94 12.56
CA TYR A 98 15.85 -4.30 12.51
C TYR A 98 14.46 -4.28 11.85
N LEU A 99 14.00 -3.12 11.37
CA LEU A 99 12.84 -3.06 10.48
C LEU A 99 13.29 -3.18 9.02
N THR A 100 13.41 -4.43 8.56
CA THR A 100 13.90 -4.74 7.21
C THR A 100 13.07 -5.85 6.62
N LEU A 101 13.09 -5.93 5.29
CA LEU A 101 12.33 -6.92 4.60
C LEU A 101 12.73 -8.35 5.01
N ASP A 102 14.03 -8.56 5.06
CA ASP A 102 14.62 -9.83 5.44
C ASP A 102 14.05 -10.31 6.77
N GLN A 103 14.06 -9.44 7.77
CA GLN A 103 13.51 -9.76 9.08
C GLN A 103 12.02 -10.14 8.99
N ALA A 104 11.25 -9.31 8.27
CA ALA A 104 9.82 -9.48 8.16
C ALA A 104 9.46 -10.82 7.53
N ILE A 105 10.27 -11.26 6.57
CA ILE A 105 10.03 -12.53 5.90
C ILE A 105 10.24 -13.67 6.91
N LEU A 106 11.40 -13.65 7.57
CA LEU A 106 11.81 -14.72 8.46
C LEU A 106 10.90 -14.82 9.70
N ASP A 107 10.33 -13.67 10.12
CA ASP A 107 9.23 -13.65 11.10
C ASP A 107 8.12 -14.62 10.74
N MET A 108 7.69 -14.57 9.47
CA MET A 108 6.57 -15.35 9.00
C MET A 108 6.89 -16.85 9.06
N THR A 109 8.02 -17.26 8.46
CA THR A 109 8.41 -18.66 8.42
C THR A 109 8.67 -19.19 9.83
N TYR A 110 9.31 -18.38 10.66
CA TYR A 110 9.67 -18.74 12.05
C TYR A 110 8.41 -18.89 12.91
N PHE A 111 7.47 -17.97 12.75
CA PHE A 111 6.19 -18.03 13.43
C PHE A 111 5.44 -19.30 13.06
N ALA A 112 5.36 -19.59 11.75
CA ALA A 112 4.60 -20.75 11.28
C ALA A 112 5.14 -22.10 11.83
N GLU A 113 6.46 -22.19 12.04
CA GLU A 113 7.12 -23.39 12.56
C GLU A 113 7.10 -23.50 14.08
N THR A 114 7.06 -22.35 14.76
CA THR A 114 7.42 -22.19 16.18
C THR A 114 6.26 -21.92 17.14
N VAL A 115 5.24 -21.21 16.66
CA VAL A 115 4.19 -20.71 17.52
C VAL A 115 3.52 -21.87 18.25
N LYS A 116 3.23 -21.67 19.54
CA LYS A 116 2.48 -22.64 20.32
C LYS A 116 1.06 -22.17 20.37
N LEU A 117 0.23 -22.79 19.52
CA LEU A 117 -1.16 -22.42 19.36
C LEU A 117 -2.00 -22.99 20.51
N GLN A 118 -2.82 -22.13 21.10
CA GLN A 118 -3.75 -22.50 22.14
C GLN A 118 -4.77 -23.52 21.64
N PHE A 119 -5.16 -23.42 20.36
CA PHE A 119 -6.17 -24.31 19.82
C PHE A 119 -5.68 -25.71 19.41
N ASP A 120 -4.35 -25.91 19.38
CA ASP A 120 -3.73 -27.22 19.11
C ASP A 120 -2.25 -27.11 19.46
N ASN A 121 -1.91 -27.50 20.69
CA ASN A 121 -0.56 -27.37 21.25
C ASN A 121 0.37 -28.56 20.96
N SER A 122 -0.17 -29.66 20.43
CA SER A 122 0.62 -30.66 19.74
C SER A 122 0.94 -29.93 18.47
N THR A 123 2.12 -30.15 17.90
CA THR A 123 2.52 -29.38 16.71
C THR A 123 1.76 -29.73 15.39
N ARG A 124 0.66 -30.48 15.49
CA ARG A 124 -0.10 -31.04 14.34
C ARG A 124 -0.69 -29.91 13.47
N SER A 125 -0.82 -28.69 14.02
CA SER A 125 -1.34 -27.54 13.27
C SER A 125 -0.28 -26.56 12.78
N ASN A 126 0.99 -26.78 13.19
CA ASN A 126 2.13 -25.99 12.67
C ASN A 126 2.49 -26.37 11.20
N ALA A 127 3.31 -25.53 10.55
CA ALA A 127 3.59 -25.61 9.11
C ALA A 127 4.31 -26.87 8.66
N GLN A 128 4.98 -27.53 9.60
CA GLN A 128 5.66 -28.80 9.38
C GLN A 128 4.71 -29.95 9.14
N ASN A 129 3.56 -29.91 9.83
CA ASN A 129 2.60 -30.99 9.80
C ASN A 129 1.24 -30.66 9.20
N ALA A 130 1.13 -29.45 8.63
CA ALA A 130 -0.13 -28.96 8.09
C ALA A 130 0.12 -27.85 7.07
N PRO A 131 -0.70 -27.76 6.01
CA PRO A 131 -0.45 -26.82 4.93
C PRO A 131 -0.89 -25.40 5.33
N TRP A 132 0.07 -24.49 5.36
CA TRP A 132 -0.13 -23.08 5.64
C TRP A 132 -0.14 -22.30 4.32
N VAL A 133 -1.13 -21.43 4.19
CA VAL A 133 -1.36 -20.62 3.02
C VAL A 133 -1.21 -19.18 3.50
N MET A 134 -0.23 -18.47 2.95
CA MET A 134 0.02 -17.07 3.27
C MET A 134 -0.67 -16.19 2.21
N VAL A 135 -1.47 -15.23 2.70
CA VAL A 135 -2.28 -14.35 1.85
C VAL A 135 -1.98 -12.91 2.22
N GLY A 136 -1.93 -12.02 1.23
CA GLY A 136 -1.70 -10.62 1.47
C GLY A 136 -1.96 -9.73 0.27
N GLY A 137 -2.27 -8.47 0.56
CA GLY A 137 -2.49 -7.44 -0.44
C GLY A 137 -1.61 -6.25 -0.15
N SER A 138 -1.29 -5.47 -1.18
CA SER A 138 -0.48 -4.26 -1.03
C SER A 138 0.92 -4.69 -0.56
N TYR A 139 1.55 -3.99 0.39
CA TYR A 139 2.89 -4.39 0.92
C TYR A 139 2.85 -5.82 1.45
N SER A 140 1.83 -6.15 2.25
CA SER A 140 1.69 -7.47 2.80
C SER A 140 1.62 -8.54 1.69
N GLY A 141 1.04 -8.18 0.54
CA GLY A 141 1.04 -9.01 -0.67
C GLY A 141 2.43 -9.23 -1.24
N ALA A 142 3.24 -8.18 -1.22
CA ALA A 142 4.62 -8.26 -1.65
C ALA A 142 5.46 -9.15 -0.72
N LEU A 143 5.29 -8.94 0.59
CA LEU A 143 5.92 -9.75 1.63
C LEU A 143 5.59 -11.21 1.38
N THR A 144 4.33 -11.50 1.06
CA THR A 144 3.90 -12.85 0.71
C THR A 144 4.69 -13.40 -0.49
N ALA A 145 4.73 -12.64 -1.59
CA ALA A 145 5.50 -13.02 -2.78
C ALA A 145 7.00 -13.15 -2.50
N TRP A 146 7.53 -12.22 -1.71
CA TRP A 146 8.96 -12.14 -1.42
C TRP A 146 9.43 -13.31 -0.55
N THR A 147 8.52 -13.80 0.31
CA THR A 147 8.76 -14.96 1.12
C THR A 147 8.90 -16.21 0.26
N GLU A 148 8.03 -16.38 -0.75
CA GLU A 148 8.10 -17.56 -1.62
C GLU A 148 9.42 -17.54 -2.37
N SER A 149 9.84 -16.32 -2.78
CA SER A 149 11.09 -16.08 -3.48
C SER A 149 12.33 -16.27 -2.63
N VAL A 150 12.35 -15.63 -1.45
CA VAL A 150 13.51 -15.65 -0.57
C VAL A 150 13.57 -16.85 0.41
N ALA A 151 12.43 -17.30 0.93
CA ALA A 151 12.43 -18.32 1.98
C ALA A 151 11.42 -19.45 1.79
N PRO A 152 11.45 -20.13 0.63
CA PRO A 152 10.51 -21.23 0.39
C PRO A 152 10.71 -22.42 1.34
N GLY A 153 9.70 -23.29 1.48
CA GLY A 153 9.75 -24.56 2.18
C GLY A 153 8.94 -24.69 3.46
N THR A 154 8.36 -23.58 3.91
CA THR A 154 7.55 -23.53 5.13
C THR A 154 6.04 -23.47 4.82
N PHE A 155 5.68 -22.50 3.97
CA PHE A 155 4.32 -22.34 3.52
C PHE A 155 4.03 -23.25 2.34
N TRP A 156 2.87 -23.89 2.36
CA TRP A 156 2.43 -24.74 1.27
C TRP A 156 2.09 -23.94 0.00
N ALA A 157 1.43 -22.80 0.22
CA ALA A 157 0.91 -21.95 -0.86
C ALA A 157 0.85 -20.46 -0.45
N TYR A 158 0.80 -19.59 -1.48
CA TYR A 158 0.92 -18.12 -1.39
C TYR A 158 -0.07 -17.44 -2.35
N HIS A 159 -0.70 -16.35 -1.92
CA HIS A 159 -1.53 -15.50 -2.77
C HIS A 159 -1.22 -14.07 -2.48
N ALA A 160 -0.75 -13.34 -3.49
CA ALA A 160 -0.38 -11.95 -3.39
C ALA A 160 -1.24 -11.11 -4.32
N THR A 161 -2.13 -10.29 -3.73
CA THR A 161 -2.96 -9.38 -4.48
C THR A 161 -2.38 -7.97 -4.45
N SER A 162 -2.33 -7.29 -5.61
CA SER A 162 -1.81 -5.93 -5.69
C SER A 162 -0.43 -5.76 -5.00
N ALA A 163 0.51 -6.66 -5.30
CA ALA A 163 1.81 -6.66 -4.63
C ALA A 163 2.87 -5.84 -5.36
N PRO A 164 3.41 -4.76 -4.76
CA PRO A 164 4.46 -3.97 -5.39
C PRO A 164 5.85 -4.60 -5.26
N VAL A 165 6.07 -5.72 -5.97
CA VAL A 165 7.30 -6.50 -5.81
C VAL A 165 8.57 -5.84 -6.37
N GLU A 166 8.40 -4.84 -7.25
CA GLU A 166 9.50 -4.09 -7.82
C GLU A 166 9.67 -2.75 -7.12
N ALA A 167 10.86 -2.53 -6.56
CA ALA A 167 11.26 -1.24 -6.00
C ALA A 167 11.51 -0.30 -7.16
N ILE A 168 10.93 0.90 -7.06
CA ILE A 168 11.05 1.92 -8.10
C ILE A 168 11.20 3.30 -7.46
N TYR A 169 12.25 4.01 -7.87
CA TYR A 169 12.69 5.32 -7.34
C TYR A 169 11.69 6.38 -7.80
N ASP A 170 11.57 6.57 -9.12
CA ASP A 170 10.68 7.59 -9.67
C ASP A 170 9.40 6.90 -10.12
N TYR A 171 8.53 6.57 -9.17
CA TYR A 171 7.30 5.80 -9.44
C TYR A 171 6.19 6.75 -9.93
N TRP A 172 6.44 7.49 -11.02
CA TRP A 172 5.42 8.34 -11.64
C TRP A 172 4.27 7.56 -12.19
N GLN A 173 4.50 6.27 -12.40
CA GLN A 173 3.49 5.42 -13.00
C GLN A 173 2.43 4.95 -12.03
N TYR A 174 2.60 5.32 -10.76
CA TYR A 174 1.52 5.26 -9.74
C TYR A 174 0.22 5.83 -10.33
N PHE A 175 0.33 6.98 -10.98
CA PHE A 175 -0.82 7.75 -11.48
C PHE A 175 -1.34 7.29 -12.83
N TYR A 176 -0.56 6.48 -13.53
CA TYR A 176 -0.86 6.09 -14.93
C TYR A 176 -2.16 5.29 -14.99
N PRO A 177 -2.37 4.23 -14.17
CA PRO A 177 -3.65 3.51 -14.15
C PRO A 177 -4.84 4.39 -13.75
N ILE A 178 -4.62 5.39 -12.88
CA ILE A 178 -5.69 6.31 -12.52
C ILE A 178 -6.09 7.09 -13.79
N GLN A 179 -5.09 7.61 -14.50
CA GLN A 179 -5.29 8.32 -15.76
C GLN A 179 -6.03 7.44 -16.77
N GLN A 180 -5.73 6.15 -16.81
CA GLN A 180 -6.41 5.21 -17.70
C GLN A 180 -7.84 4.96 -17.26
N GLY A 181 -8.03 4.80 -15.95
CA GLY A 181 -9.32 4.48 -15.35
C GLY A 181 -10.33 5.63 -15.26
N MET A 182 -9.85 6.85 -14.97
CA MET A 182 -10.68 8.05 -14.85
C MET A 182 -11.47 8.28 -16.09
N ALA A 183 -12.54 9.08 -15.94
CA ALA A 183 -13.27 9.60 -17.07
C ALA A 183 -12.32 10.42 -17.96
N GLN A 184 -12.59 10.35 -19.26
CA GLN A 184 -11.88 11.13 -20.28
C GLN A 184 -11.85 12.61 -19.95
N ASN A 185 -13.04 13.17 -19.65
CA ASN A 185 -13.15 14.61 -19.42
C ASN A 185 -12.34 15.08 -18.20
N CYS A 186 -12.45 14.36 -17.08
CA CYS A 186 -11.72 14.65 -15.83
C CYS A 186 -10.20 14.49 -16.06
N SER A 187 -9.80 13.37 -16.68
CA SER A 187 -8.41 13.12 -17.05
C SER A 187 -7.77 14.29 -17.78
N LYS A 188 -8.47 14.79 -18.80
CA LYS A 188 -7.98 15.84 -19.64
C LYS A 188 -7.82 17.13 -18.84
N ASP A 189 -8.88 17.49 -18.09
CA ASP A 189 -8.92 18.76 -17.33
C ASP A 189 -7.91 18.78 -16.18
N VAL A 190 -7.80 17.67 -15.43
CA VAL A 190 -6.86 17.58 -14.34
C VAL A 190 -5.42 17.73 -14.90
N SER A 191 -5.19 17.17 -16.09
CA SER A 191 -3.91 17.25 -16.76
C SER A 191 -3.54 18.70 -17.05
N LEU A 192 -4.47 19.40 -17.71
CA LEU A 192 -4.38 20.84 -17.97
C LEU A 192 -3.98 21.66 -16.75
N VAL A 193 -4.61 21.35 -15.61
CA VAL A 193 -4.37 22.09 -14.38
C VAL A 193 -3.01 21.77 -13.82
N ALA A 194 -2.65 20.48 -13.84
CA ALA A 194 -1.35 20.04 -13.35
C ALA A 194 -0.22 20.74 -14.14
N GLU A 195 -0.34 20.74 -15.47
CA GLU A 195 0.65 21.36 -16.34
C GLU A 195 0.72 22.86 -16.13
N TYR A 196 -0.43 23.49 -15.90
CA TYR A 196 -0.49 24.96 -15.64
C TYR A 196 0.24 25.27 -14.33
N VAL A 197 0.10 24.42 -13.31
CA VAL A 197 0.79 24.59 -12.05
C VAL A 197 2.31 24.49 -12.23
N ASP A 198 2.76 23.55 -13.06
CA ASP A 198 4.18 23.45 -13.43
C ASP A 198 4.64 24.76 -14.07
N LYS A 199 3.87 25.23 -15.05
CA LYS A 199 4.19 26.41 -15.84
C LYS A 199 4.37 27.64 -14.94
N ILE A 200 3.41 27.86 -14.02
CA ILE A 200 3.49 29.00 -13.12
C ILE A 200 4.66 28.86 -12.16
N GLY A 201 4.91 27.64 -11.69
CA GLY A 201 6.02 27.36 -10.79
C GLY A 201 7.36 27.80 -11.39
N LYS A 202 7.54 27.49 -12.68
CA LYS A 202 8.79 27.68 -13.40
C LYS A 202 8.90 29.05 -14.03
N ASN A 203 7.82 29.52 -14.67
CA ASN A 203 7.87 30.71 -15.55
C ASN A 203 6.89 31.82 -15.22
N GLY A 204 6.37 31.85 -13.99
CA GLY A 204 5.41 32.85 -13.55
C GLY A 204 6.02 33.93 -12.67
N THR A 205 5.33 35.07 -12.56
CA THR A 205 5.74 36.16 -11.65
C THR A 205 5.39 35.76 -10.21
N ALA A 206 6.01 36.43 -9.24
CA ALA A 206 5.70 36.23 -7.82
C ALA A 206 4.19 36.41 -7.52
N LYS A 207 3.57 37.39 -8.18
CA LYS A 207 2.16 37.69 -8.03
C LYS A 207 1.30 36.56 -8.60
N GLU A 208 1.68 36.06 -9.77
CA GLU A 208 0.95 34.93 -10.37
C GLU A 208 0.98 33.68 -9.48
N GLN A 209 2.12 33.47 -8.82
CA GLN A 209 2.32 32.32 -7.95
C GLN A 209 1.58 32.49 -6.64
N GLN A 210 1.64 33.71 -6.07
CA GLN A 210 0.91 34.00 -4.86
C GLN A 210 -0.58 33.83 -5.14
N ALA A 211 -1.06 34.33 -6.28
CA ALA A 211 -2.47 34.32 -6.62
C ALA A 211 -2.99 32.90 -6.81
N LEU A 212 -2.18 32.08 -7.48
CA LEU A 212 -2.51 30.69 -7.75
C LEU A 212 -2.66 29.92 -6.43
N LYS A 213 -1.71 30.14 -5.51
CA LYS A 213 -1.79 29.58 -4.17
C LYS A 213 -3.02 30.04 -3.38
N GLU A 214 -3.45 31.30 -3.59
CA GLU A 214 -4.65 31.86 -2.94
C GLU A 214 -5.90 31.12 -3.35
N LEU A 215 -6.00 30.79 -4.65
CA LEU A 215 -7.16 30.08 -5.19
C LEU A 215 -7.50 28.82 -4.41
N PHE A 216 -6.45 28.11 -3.95
CA PHE A 216 -6.58 26.86 -3.19
C PHE A 216 -6.65 27.10 -1.65
N GLY A 217 -6.56 28.37 -1.24
CA GLY A 217 -6.54 28.77 0.17
C GLY A 217 -5.18 28.59 0.83
N LEU A 218 -4.14 28.40 0.01
CA LEU A 218 -2.78 28.09 0.44
C LEU A 218 -1.78 29.26 0.27
N GLY A 219 -2.28 30.50 0.25
CA GLY A 219 -1.47 31.71 0.17
C GLY A 219 -0.27 31.68 1.13
N ALA A 220 -0.52 31.13 2.32
CA ALA A 220 0.45 31.02 3.41
C ALA A 220 1.47 29.88 3.30
N VAL A 221 1.30 28.97 2.33
CA VAL A 221 2.31 27.92 2.17
C VAL A 221 3.55 28.53 1.51
N GLU A 222 4.73 28.37 2.14
CA GLU A 222 5.93 29.09 1.70
C GLU A 222 6.48 28.59 0.35
N HIS A 223 6.69 27.28 0.22
CA HIS A 223 7.42 26.69 -0.90
C HIS A 223 6.43 26.28 -2.00
N PHE A 224 6.65 26.78 -3.21
CA PHE A 224 5.78 26.48 -4.34
C PHE A 224 5.60 24.97 -4.64
N ASP A 225 6.65 24.16 -4.43
CA ASP A 225 6.51 22.72 -4.61
C ASP A 225 5.67 22.03 -3.48
N ASP A 226 5.66 22.60 -2.27
CA ASP A 226 4.71 22.17 -1.22
C ASP A 226 3.24 22.39 -1.67
N PHE A 227 3.00 23.51 -2.37
CA PHE A 227 1.69 23.81 -2.91
C PHE A 227 1.33 22.82 -4.01
N ALA A 228 2.23 22.67 -4.99
CA ALA A 228 2.02 21.70 -6.08
C ALA A 228 1.71 20.33 -5.53
N ALA A 229 2.30 20.00 -4.38
CA ALA A 229 2.22 18.67 -3.79
C ALA A 229 0.84 18.32 -3.24
N VAL A 230 -0.04 19.32 -3.11
CA VAL A 230 -1.40 19.05 -2.65
C VAL A 230 -2.35 18.60 -3.75
N LEU A 231 -2.02 18.89 -5.02
CA LEU A 231 -2.90 18.58 -6.12
C LEU A 231 -3.23 17.11 -6.27
N PRO A 232 -2.25 16.18 -6.08
CA PRO A 232 -2.52 14.74 -6.12
C PRO A 232 -3.59 14.23 -5.14
N ASN A 233 -4.00 15.04 -4.15
CA ASN A 233 -5.08 14.66 -3.22
C ASN A 233 -6.32 14.22 -3.97
N GLY A 234 -6.53 14.77 -5.17
CA GLY A 234 -7.63 14.38 -6.03
C GLY A 234 -7.48 12.95 -6.53
N PRO A 235 -6.48 12.70 -7.40
CA PRO A 235 -6.20 11.36 -7.91
C PRO A 235 -5.97 10.29 -6.83
N TYR A 236 -5.37 10.66 -5.70
CA TYR A 236 -5.09 9.74 -4.57
C TYR A 236 -6.38 9.06 -4.07
N LEU A 237 -7.55 9.66 -4.29
CA LEU A 237 -8.82 9.08 -3.80
C LEU A 237 -9.27 7.86 -4.62
N TRP A 238 -8.72 7.72 -5.83
CA TRP A 238 -8.91 6.52 -6.64
C TRP A 238 -8.57 5.27 -5.80
N GLN A 239 -7.53 5.39 -4.98
CA GLN A 239 -7.05 4.32 -4.13
C GLN A 239 -8.01 3.88 -3.05
N ASP A 240 -8.96 4.74 -2.70
CA ASP A 240 -10.03 4.40 -1.77
C ASP A 240 -11.24 3.71 -2.38
N ASN A 241 -11.25 3.58 -3.72
CA ASN A 241 -12.40 2.97 -4.39
C ASN A 241 -12.34 1.47 -4.21
N ASP A 242 -13.52 0.86 -4.12
CA ASP A 242 -13.73 -0.51 -4.56
C ASP A 242 -15.03 -0.56 -5.35
N PHE A 243 -15.61 -1.75 -5.47
CA PHE A 243 -16.83 -1.92 -6.25
C PHE A 243 -18.09 -1.68 -5.40
N ALA A 244 -17.93 -1.45 -4.09
CA ALA A 244 -19.04 -1.18 -3.19
C ALA A 244 -18.99 0.20 -2.58
N THR A 245 -18.10 1.07 -3.06
CA THR A 245 -17.96 2.47 -2.57
C THR A 245 -18.85 3.48 -3.31
N GLY A 246 -19.40 3.07 -4.46
CA GLY A 246 -20.37 3.89 -5.22
C GLY A 246 -19.83 5.25 -5.61
N TYR A 247 -20.66 6.27 -5.44
CA TYR A 247 -20.32 7.69 -5.69
C TYR A 247 -19.37 8.16 -4.58
N SER A 248 -18.10 7.74 -4.69
CA SER A 248 -17.10 7.90 -3.63
C SER A 248 -16.47 9.27 -3.67
N SER A 249 -15.57 9.53 -2.71
CA SER A 249 -14.85 10.79 -2.67
C SER A 249 -14.20 11.10 -4.02
N PHE A 250 -13.67 10.06 -4.68
CA PHE A 250 -12.99 10.24 -5.97
C PHE A 250 -13.90 10.79 -7.05
N PHE A 251 -15.06 10.18 -7.20
CA PHE A 251 -16.02 10.60 -8.21
C PHE A 251 -16.62 11.96 -7.90
N GLN A 252 -16.75 12.31 -6.62
CA GLN A 252 -17.08 13.68 -6.22
C GLN A 252 -16.03 14.68 -6.70
N PHE A 253 -14.76 14.29 -6.58
CA PHE A 253 -13.63 15.11 -7.07
C PHE A 253 -13.77 15.42 -8.57
N CYS A 254 -13.98 14.37 -9.37
CA CYS A 254 -14.09 14.53 -10.82
C CYS A 254 -15.26 15.40 -11.18
N ASP A 255 -16.40 15.14 -10.53
CA ASP A 255 -17.58 15.96 -10.74
C ASP A 255 -17.31 17.42 -10.39
N ALA A 256 -16.61 17.67 -9.28
CA ALA A 256 -16.23 19.04 -8.90
C ALA A 256 -15.35 19.71 -9.97
N VAL A 257 -14.39 18.96 -10.53
CA VAL A 257 -13.51 19.49 -11.56
C VAL A 257 -14.27 19.83 -12.82
N GLU A 258 -15.18 18.94 -13.21
CA GLU A 258 -16.04 19.18 -14.35
C GLU A 258 -17.09 20.28 -14.08
N GLY A 259 -17.34 20.53 -12.79
CA GLY A 259 -18.17 21.63 -12.35
C GLY A 259 -19.66 21.35 -12.22
N VAL A 260 -20.04 20.07 -12.18
CA VAL A 260 -21.43 19.67 -12.00
C VAL A 260 -21.72 19.14 -10.61
N GLU A 261 -23.00 19.16 -10.24
CA GLU A 261 -23.49 18.52 -9.02
C GLU A 261 -23.92 17.06 -9.28
N ALA A 262 -23.78 16.22 -8.25
CA ALA A 262 -24.31 14.86 -8.24
C ALA A 262 -25.74 14.80 -8.84
N GLY A 263 -25.90 13.95 -9.85
CA GLY A 263 -27.19 13.63 -10.43
C GLY A 263 -27.67 14.64 -11.44
N ALA A 264 -26.76 15.51 -11.91
CA ALA A 264 -27.08 16.54 -12.91
C ALA A 264 -27.67 15.91 -14.18
N ALA A 265 -28.73 16.53 -14.70
CA ALA A 265 -29.33 16.12 -15.96
C ALA A 265 -28.29 16.30 -17.09
N VAL A 266 -27.65 17.48 -17.10
CA VAL A 266 -26.74 17.90 -18.16
C VAL A 266 -25.28 17.89 -17.70
N THR A 267 -24.47 17.04 -18.36
CA THR A 267 -23.06 16.88 -18.08
C THR A 267 -22.25 17.21 -19.34
N PRO A 268 -20.98 17.66 -19.17
CA PRO A 268 -20.09 17.86 -20.32
C PRO A 268 -19.73 16.51 -20.94
N GLY A 269 -19.44 16.50 -22.25
CA GLY A 269 -18.95 15.32 -22.94
C GLY A 269 -17.49 15.01 -22.62
N PRO A 270 -16.83 14.11 -23.40
CA PRO A 270 -15.42 13.78 -23.16
C PRO A 270 -14.43 14.93 -23.40
N GLU A 271 -14.84 16.00 -24.09
CA GLU A 271 -14.00 17.17 -24.28
C GLU A 271 -13.68 17.93 -22.96
N GLY A 272 -14.57 17.84 -21.97
CA GLY A 272 -14.41 18.57 -20.71
C GLY A 272 -14.75 20.04 -20.79
N VAL A 273 -14.22 20.81 -19.82
CA VAL A 273 -14.57 22.23 -19.63
C VAL A 273 -13.42 23.18 -19.93
N GLY A 274 -12.19 22.66 -20.08
CA GLY A 274 -11.03 23.47 -20.34
C GLY A 274 -10.42 24.08 -19.09
N LEU A 275 -9.29 24.78 -19.29
CA LEU A 275 -8.38 25.12 -18.19
C LEU A 275 -8.98 26.10 -17.19
N GLU A 276 -9.57 27.17 -17.72
CA GLU A 276 -9.98 28.29 -16.89
C GLU A 276 -11.02 27.80 -15.89
N LYS A 277 -12.05 27.11 -16.38
CA LYS A 277 -13.05 26.53 -15.48
C LYS A 277 -12.48 25.44 -14.58
N ALA A 278 -11.61 24.60 -15.15
CA ALA A 278 -11.11 23.42 -14.45
C ALA A 278 -10.26 23.83 -13.25
N LEU A 279 -9.40 24.82 -13.47
CA LEU A 279 -8.55 25.37 -12.42
C LEU A 279 -9.37 25.97 -11.28
N ALA A 280 -10.37 26.76 -11.62
CA ALA A 280 -11.29 27.35 -10.67
C ALA A 280 -11.96 26.28 -9.85
N ASN A 281 -12.48 25.26 -10.56
CA ASN A 281 -13.21 24.19 -9.92
C ASN A 281 -12.34 23.35 -9.03
N TYR A 282 -11.12 23.07 -9.49
CA TYR A 282 -10.11 22.24 -8.77
C TYR A 282 -9.69 22.99 -7.49
N ALA A 283 -9.33 24.27 -7.62
CA ALA A 283 -8.91 25.12 -6.51
C ALA A 283 -9.99 25.25 -5.43
N ASN A 284 -11.23 25.51 -5.86
CA ASN A 284 -12.34 25.62 -4.95
C ASN A 284 -12.69 24.30 -4.24
N TRP A 285 -12.58 23.18 -4.95
CA TRP A 285 -12.84 21.85 -4.39
C TRP A 285 -11.86 21.62 -3.24
N PHE A 286 -10.58 21.90 -3.48
CA PHE A 286 -9.56 21.73 -2.45
C PHE A 286 -9.77 22.67 -1.26
N ASN A 287 -9.90 23.97 -1.55
CA ASN A 287 -10.07 25.02 -0.54
C ASN A 287 -11.27 24.74 0.38
N SER A 288 -12.39 24.31 -0.21
CA SER A 288 -13.66 24.21 0.50
C SER A 288 -13.97 22.84 1.08
N THR A 289 -13.48 21.77 0.44
CA THR A 289 -13.86 20.44 0.88
C THR A 289 -12.72 19.56 1.40
N ILE A 290 -11.46 19.96 1.19
CA ILE A 290 -10.32 19.13 1.57
C ILE A 290 -9.43 19.76 2.65
N LEU A 291 -9.12 21.04 2.47
CA LEU A 291 -8.36 21.83 3.43
C LEU A 291 -8.96 21.84 4.84
N PRO A 292 -10.28 22.10 5.00
CA PRO A 292 -10.84 22.21 6.35
C PRO A 292 -10.46 20.96 7.16
N ASP A 293 -9.82 21.15 8.31
CA ASP A 293 -9.52 20.04 9.24
C ASP A 293 -8.50 19.04 8.77
N TYR A 294 -7.77 19.39 7.72
CA TYR A 294 -6.78 18.50 7.07
C TYR A 294 -5.59 18.30 8.02
N CYS A 295 -4.91 19.39 8.41
CA CYS A 295 -3.79 19.27 9.34
C CYS A 295 -4.28 18.74 10.70
N ALA A 296 -5.42 19.25 11.18
CA ALA A 296 -5.99 18.79 12.45
C ALA A 296 -6.16 17.27 12.54
N SER A 297 -6.35 16.61 11.40
CA SER A 297 -6.51 15.16 11.37
C SER A 297 -5.25 14.34 11.74
N TYR A 298 -4.07 14.98 11.67
CA TYR A 298 -2.76 14.43 12.11
C TYR A 298 -2.65 14.43 13.64
N GLY A 299 -3.44 15.26 14.33
CA GLY A 299 -3.42 15.38 15.78
C GLY A 299 -2.44 16.41 16.30
N TYR A 300 -1.37 16.67 15.55
CA TYR A 300 -0.27 17.58 15.98
C TYR A 300 -0.77 19.03 15.99
N TRP A 301 -1.86 19.33 15.27
CA TRP A 301 -2.43 20.69 15.17
C TRP A 301 -3.93 20.66 15.35
N THR A 302 -4.52 21.86 15.50
CA THR A 302 -5.94 22.00 15.85
C THR A 302 -6.75 23.05 15.07
N ASP A 303 -6.09 24.08 14.54
CA ASP A 303 -6.78 25.07 13.70
C ASP A 303 -7.35 24.39 12.43
N GLU A 304 -8.66 24.57 12.23
CA GLU A 304 -9.39 24.13 11.05
C GLU A 304 -8.68 24.49 9.74
N TRP A 305 -8.15 25.72 9.67
CA TRP A 305 -7.57 26.30 8.45
C TRP A 305 -6.04 26.34 8.45
N SER A 306 -5.44 25.42 9.21
CA SER A 306 -4.01 25.28 9.33
C SER A 306 -3.39 24.75 8.04
N VAL A 307 -2.20 25.27 7.72
CA VAL A 307 -1.43 24.84 6.57
C VAL A 307 -0.06 24.30 6.97
N ALA A 308 0.12 24.06 8.27
CA ALA A 308 1.39 23.66 8.87
C ALA A 308 1.87 22.32 8.35
N CYS A 309 0.94 21.38 8.16
CA CYS A 309 1.25 20.03 7.70
C CYS A 309 1.73 19.95 6.26
N PHE A 310 1.63 21.06 5.52
CA PHE A 310 1.99 21.09 4.11
C PHE A 310 3.46 21.45 3.96
N ASP A 311 4.04 21.97 5.04
CA ASP A 311 5.42 22.41 5.07
C ASP A 311 6.33 21.18 5.22
N SER A 312 6.92 20.76 4.11
CA SER A 312 7.81 19.61 4.07
C SER A 312 9.26 20.01 4.32
N TYR A 313 9.50 21.31 4.53
CA TYR A 313 10.86 21.93 4.62
C TYR A 313 11.20 22.30 6.08
N ASN A 314 10.25 22.18 7.02
CA ASN A 314 10.48 22.45 8.44
C ASN A 314 10.93 21.17 9.15
N ALA A 315 12.23 21.11 9.48
CA ALA A 315 12.82 19.89 10.05
C ALA A 315 12.31 19.54 11.46
N SER A 316 11.74 20.54 12.15
CA SER A 316 11.15 20.40 13.47
C SER A 316 9.68 19.97 13.47
N SER A 317 9.04 19.94 12.29
CA SER A 317 7.64 19.56 12.18
C SER A 317 7.48 18.21 12.89
N PRO A 318 6.39 18.06 13.67
CA PRO A 318 6.07 16.81 14.35
C PRO A 318 5.95 15.60 13.40
N ILE A 319 5.59 15.84 12.14
CA ILE A 319 5.57 14.82 11.11
C ILE A 319 6.89 14.04 11.10
N TYR A 320 8.00 14.75 11.26
CA TYR A 320 9.40 14.21 11.26
C TYR A 320 9.88 13.82 12.67
N THR A 321 9.61 14.64 13.69
CA THR A 321 10.18 14.46 15.02
C THR A 321 9.42 13.49 15.98
N ASP A 322 8.18 13.12 15.67
CA ASP A 322 7.42 12.23 16.53
C ASP A 322 7.92 10.81 16.30
N THR A 323 8.76 10.34 17.23
CA THR A 323 9.44 9.07 17.08
C THR A 323 8.67 7.88 17.67
N SER A 324 7.47 8.13 18.23
CA SER A 324 6.69 7.11 18.95
C SER A 324 6.11 6.06 18.00
N VAL A 325 5.84 4.86 18.52
CA VAL A 325 5.26 3.79 17.73
C VAL A 325 3.88 4.16 17.15
N GLY A 326 3.09 4.89 17.93
CA GLY A 326 1.79 5.41 17.52
C GLY A 326 1.79 6.70 16.68
N ASN A 327 2.95 7.12 16.13
CA ASN A 327 3.04 8.33 15.30
C ASN A 327 1.96 8.38 14.20
N ALA A 328 1.56 9.61 13.84
CA ALA A 328 0.43 9.86 12.94
C ALA A 328 0.72 9.68 11.46
N VAL A 329 2.00 9.69 11.09
CA VAL A 329 2.36 9.70 9.69
C VAL A 329 2.80 8.32 9.13
N ASP A 330 2.98 7.34 10.01
CA ASP A 330 3.50 6.00 9.67
C ASP A 330 4.97 6.07 9.21
N ARG A 331 5.81 6.71 10.04
CA ARG A 331 7.28 6.80 9.79
C ARG A 331 7.88 5.40 9.62
N GLN A 332 7.26 4.37 10.20
CA GLN A 332 7.65 2.98 9.96
C GLN A 332 7.70 2.61 8.47
N TRP A 333 6.65 2.98 7.73
CA TRP A 333 6.60 2.75 6.29
C TRP A 333 7.58 3.67 5.55
N GLU A 334 7.68 4.94 5.96
CA GLU A 334 8.69 5.85 5.42
C GLU A 334 10.10 5.28 5.58
N TRP A 335 10.34 4.55 6.67
CA TRP A 335 11.61 3.87 6.91
C TRP A 335 11.90 2.87 5.80
N PHE A 336 10.92 2.00 5.51
CA PHE A 336 11.03 1.04 4.43
C PHE A 336 11.34 1.74 3.10
N LEU A 337 10.66 2.85 2.84
CA LEU A 337 10.88 3.61 1.63
C LEU A 337 12.33 4.08 1.52
N CYS A 338 12.88 4.68 2.58
CA CYS A 338 14.20 5.34 2.59
C CYS A 338 15.35 4.38 2.84
N ASN A 339 15.05 3.25 3.50
CA ASN A 339 16.08 2.36 4.04
C ASN A 339 16.30 1.09 3.26
N GLU A 340 15.21 0.41 2.90
CA GLU A 340 15.31 -0.88 2.23
C GLU A 340 16.19 -0.81 0.98
N PRO A 341 15.99 0.10 0.00
CA PRO A 341 14.90 1.07 -0.03
C PRO A 341 13.86 0.84 -1.14
N PHE A 342 12.56 0.87 -0.80
CA PHE A 342 11.50 0.75 -1.81
C PHE A 342 11.34 2.02 -2.62
N PHE A 343 11.54 3.17 -1.96
CA PHE A 343 11.24 4.51 -2.47
C PHE A 343 9.74 4.71 -2.81
N TYR A 344 9.31 4.12 -3.92
CA TYR A 344 7.95 4.23 -4.54
C TYR A 344 7.50 5.69 -4.72
N TRP A 345 8.42 6.64 -4.97
CA TRP A 345 8.02 8.06 -4.99
C TRP A 345 6.96 8.36 -6.08
N GLN A 346 5.85 8.96 -5.64
CA GLN A 346 4.67 9.16 -6.47
C GLN A 346 4.76 10.52 -7.11
N ASP A 347 5.18 10.51 -8.38
CA ASP A 347 5.65 11.71 -9.08
C ASP A 347 4.84 12.02 -10.33
N GLY A 348 5.00 13.26 -10.80
CA GLY A 348 4.56 13.64 -12.13
C GLY A 348 5.48 12.99 -13.15
N ALA A 349 4.90 12.69 -14.31
CA ALA A 349 5.52 11.85 -15.33
C ALA A 349 6.65 12.63 -16.01
N PRO A 350 7.61 11.96 -16.70
CA PRO A 350 8.72 12.68 -17.34
C PRO A 350 8.28 13.55 -18.51
N GLU A 351 9.07 14.59 -18.81
CA GLU A 351 8.82 15.45 -19.96
C GLU A 351 8.58 14.52 -21.13
N GLY A 352 7.55 14.82 -21.94
CA GLY A 352 7.21 14.08 -23.13
C GLY A 352 6.15 13.02 -22.91
N THR A 353 5.77 12.79 -21.64
CA THR A 353 4.73 11.85 -21.24
C THR A 353 3.59 12.65 -20.55
N SER A 354 2.33 12.34 -20.88
CA SER A 354 1.22 13.10 -20.31
C SER A 354 1.13 12.74 -18.83
N THR A 355 0.88 13.76 -18.00
CA THR A 355 0.79 13.61 -16.54
C THR A 355 -0.54 14.14 -16.01
N ILE A 356 -1.04 13.54 -14.93
CA ILE A 356 -2.21 14.10 -14.21
C ILE A 356 -1.80 14.70 -12.87
N VAL A 357 -0.50 14.74 -12.62
CA VAL A 357 0.11 15.28 -11.42
C VAL A 357 1.25 16.20 -11.87
N PRO A 358 1.48 17.35 -11.21
CA PRO A 358 2.55 18.27 -11.61
C PRO A 358 3.91 17.58 -11.58
N ARG A 359 4.76 17.87 -12.57
CA ARG A 359 6.17 17.39 -12.66
C ARG A 359 6.97 17.96 -11.49
N LEU A 360 6.56 19.12 -10.96
CA LEU A 360 7.16 19.69 -9.77
C LEU A 360 7.09 18.79 -8.56
N VAL A 361 6.07 17.92 -8.51
CA VAL A 361 6.05 16.82 -7.55
C VAL A 361 6.96 15.72 -8.09
N SER A 362 8.23 15.75 -7.67
CA SER A 362 9.28 14.88 -8.22
C SER A 362 9.83 13.88 -7.22
N ALA A 363 10.61 12.92 -7.73
CA ALA A 363 11.31 11.96 -6.92
C ALA A 363 12.11 12.70 -5.84
N SER A 364 12.73 13.82 -6.25
CA SER A 364 13.58 14.64 -5.39
C SER A 364 12.85 15.35 -4.27
N TYR A 365 11.62 15.77 -4.57
CA TYR A 365 10.70 16.39 -3.59
C TYR A 365 10.53 15.43 -2.41
N TRP A 366 10.38 14.14 -2.69
CA TRP A 366 10.19 13.11 -1.67
C TRP A 366 11.49 12.66 -1.01
N GLN A 367 12.53 12.39 -1.82
CA GLN A 367 13.81 11.89 -1.31
C GLN A 367 14.45 12.88 -0.31
N ARG A 368 14.21 14.17 -0.52
CA ARG A 368 14.69 15.29 0.36
C ARG A 368 14.19 15.08 1.80
N GLN A 369 13.02 14.45 1.95
CA GLN A 369 12.41 14.32 3.26
C GLN A 369 12.97 13.22 4.10
N CYS A 370 13.69 12.26 3.48
CA CYS A 370 14.24 11.10 4.20
C CYS A 370 15.13 11.46 5.40
N PRO A 371 16.12 12.37 5.23
CA PRO A 371 16.95 12.81 6.35
C PRO A 371 16.22 13.66 7.39
N LEU A 372 15.05 14.22 7.07
CA LEU A 372 14.27 14.99 8.05
C LEU A 372 13.59 14.00 9.00
N TYR A 373 12.99 12.96 8.43
CA TYR A 373 12.41 11.80 9.15
C TYR A 373 13.47 11.09 9.99
N PHE A 374 14.67 10.86 9.40
CA PHE A 374 15.68 9.99 10.01
C PHE A 374 17.07 10.60 10.05
N PRO A 375 17.29 11.63 10.92
CA PRO A 375 18.62 12.23 11.09
C PRO A 375 19.61 11.22 11.69
N GLU A 376 20.87 11.26 11.25
CA GLU A 376 21.88 10.32 11.72
C GLU A 376 21.86 10.33 13.27
N THR A 377 21.80 9.14 13.86
CA THR A 377 21.78 8.94 15.32
C THR A 377 22.77 7.82 15.72
N ASN A 378 23.81 8.18 16.49
CA ASN A 378 24.93 7.29 16.82
C ASN A 378 25.56 6.64 15.61
N GLY A 379 25.89 7.45 14.61
CA GLY A 379 26.42 6.95 13.35
C GLY A 379 25.48 6.14 12.46
N TYR A 380 24.25 5.86 12.91
CA TYR A 380 23.26 5.09 12.12
C TYR A 380 22.43 6.05 11.25
N THR A 381 22.27 5.71 9.97
CA THR A 381 21.43 6.48 9.07
C THR A 381 20.53 5.57 8.22
N TYR A 382 19.64 6.17 7.44
CA TYR A 382 18.74 5.46 6.49
C TYR A 382 19.61 4.90 5.35
N GLY A 383 19.29 3.69 4.89
CA GLY A 383 20.04 2.97 3.89
C GLY A 383 20.42 3.76 2.66
N SER A 384 19.49 4.54 2.11
CA SER A 384 19.69 5.18 0.82
C SER A 384 20.63 6.36 0.87
N ALA A 385 21.12 6.69 2.07
CA ALA A 385 22.12 7.73 2.27
C ALA A 385 23.53 7.18 2.04
N LYS A 386 23.68 5.85 2.19
CA LYS A 386 24.93 5.13 1.90
C LYS A 386 24.89 4.54 0.49
N GLY A 387 24.15 5.20 -0.40
CA GLY A 387 23.99 4.78 -1.79
C GLY A 387 23.39 3.40 -2.02
N LYS A 388 22.54 2.94 -1.11
CA LYS A 388 21.66 1.83 -1.39
C LYS A 388 20.56 2.39 -2.29
N ASN A 389 20.14 1.60 -3.29
CA ASN A 389 19.10 2.03 -4.21
C ASN A 389 18.14 0.92 -4.66
N ALA A 390 17.24 1.26 -5.59
CA ALA A 390 16.20 0.34 -6.08
C ALA A 390 16.79 -0.98 -6.46
N ALA A 391 17.90 -0.93 -7.21
CA ALA A 391 18.60 -2.13 -7.70
C ALA A 391 19.06 -3.06 -6.54
N THR A 392 19.52 -2.47 -5.45
CA THR A 392 19.84 -3.21 -4.24
C THR A 392 18.73 -4.19 -3.81
N VAL A 393 17.48 -3.72 -3.71
CA VAL A 393 16.36 -4.56 -3.28
C VAL A 393 16.00 -5.57 -4.34
N ASN A 394 15.86 -5.10 -5.58
CA ASN A 394 15.48 -5.91 -6.75
C ASN A 394 16.45 -7.07 -7.10
N SER A 395 17.76 -6.83 -6.97
CA SER A 395 18.79 -7.88 -7.16
C SER A 395 18.53 -9.04 -6.21
N TRP A 396 18.22 -8.70 -4.96
CA TRP A 396 18.06 -9.67 -3.88
C TRP A 396 16.67 -10.38 -3.94
N THR A 397 15.58 -9.62 -4.01
CA THR A 397 14.23 -10.18 -4.08
C THR A 397 13.87 -10.81 -5.43
N GLY A 398 14.47 -10.28 -6.51
CA GLY A 398 14.08 -10.56 -7.88
C GLY A 398 13.19 -9.48 -8.50
N GLY A 399 12.63 -8.56 -7.69
CA GLY A 399 11.64 -7.62 -8.16
C GLY A 399 10.55 -8.32 -8.98
N TRP A 400 10.03 -7.64 -9.99
CA TRP A 400 9.02 -8.24 -10.86
C TRP A 400 9.59 -9.35 -11.73
N ASP A 401 10.87 -9.69 -11.53
CA ASP A 401 11.49 -10.83 -12.19
C ASP A 401 11.66 -12.08 -11.34
N MET A 402 11.09 -12.08 -10.13
CA MET A 402 11.06 -13.28 -9.27
C MET A 402 10.10 -14.36 -9.81
N THR A 403 9.51 -14.11 -10.98
CA THR A 403 8.41 -14.90 -11.50
C THR A 403 8.94 -16.08 -12.28
N ARG A 404 10.25 -16.12 -12.49
CA ARG A 404 10.89 -17.12 -13.39
C ARG A 404 10.56 -18.52 -12.87
N ASN A 405 10.82 -18.81 -11.60
CA ASN A 405 10.63 -20.13 -11.04
C ASN A 405 9.90 -20.06 -9.70
N THR A 406 8.57 -20.13 -9.76
CA THR A 406 7.71 -20.05 -8.56
C THR A 406 6.94 -21.36 -8.32
N THR A 407 6.58 -21.59 -7.06
CA THR A 407 5.85 -22.77 -6.63
C THR A 407 4.63 -22.39 -5.74
N ARG A 408 3.45 -22.81 -6.22
CA ARG A 408 2.12 -22.59 -5.59
C ARG A 408 1.97 -21.13 -5.12
N LEU A 409 2.25 -20.18 -6.01
CA LEU A 409 2.02 -18.75 -5.76
C LEU A 409 1.11 -18.25 -6.86
N ILE A 410 0.01 -17.62 -6.45
CA ILE A 410 -0.96 -17.07 -7.36
C ILE A 410 -0.97 -15.57 -7.12
N TRP A 411 -1.13 -14.82 -8.21
CA TRP A 411 -1.18 -13.38 -8.17
C TRP A 411 -2.54 -12.88 -8.59
N THR A 412 -2.91 -11.74 -8.01
CA THR A 412 -4.01 -10.92 -8.45
C THR A 412 -3.55 -9.47 -8.53
N ASN A 413 -3.96 -8.82 -9.62
CA ASN A 413 -3.75 -7.41 -9.83
C ASN A 413 -5.02 -6.73 -10.36
N GLY A 414 -5.11 -5.42 -10.13
CA GLY A 414 -6.24 -4.60 -10.53
C GLY A 414 -5.88 -3.87 -11.79
N GLN A 415 -6.81 -3.83 -12.74
CA GLN A 415 -6.59 -3.21 -14.05
C GLN A 415 -6.12 -1.79 -13.87
N TYR A 416 -6.78 -1.06 -12.96
CA TYR A 416 -6.51 0.38 -12.68
C TYR A 416 -5.98 0.57 -11.25
N ASP A 417 -5.27 -0.42 -10.72
CA ASP A 417 -4.64 -0.29 -9.42
C ASP A 417 -3.49 0.69 -9.56
N PRO A 418 -3.42 1.74 -8.72
CA PRO A 418 -2.25 2.62 -8.69
C PRO A 418 -0.94 1.87 -8.44
N TRP A 419 -1.01 0.71 -7.78
CA TRP A 419 0.18 -0.08 -7.48
C TRP A 419 0.50 -1.14 -8.53
N ARG A 420 -0.24 -1.11 -9.64
CA ARG A 420 -0.15 -2.12 -10.70
C ARG A 420 1.26 -2.10 -11.32
N ASP A 421 1.76 -0.90 -11.61
CA ASP A 421 2.97 -0.78 -12.41
C ASP A 421 4.25 -0.92 -11.57
N SER A 422 4.10 -1.26 -10.29
CA SER A 422 5.17 -1.75 -9.47
C SER A 422 5.12 -3.28 -9.24
N GLY A 423 4.17 -3.97 -9.90
CA GLY A 423 3.96 -5.40 -9.71
C GLY A 423 4.09 -6.16 -11.00
N VAL A 424 3.69 -7.44 -10.98
CA VAL A 424 3.99 -8.37 -12.07
C VAL A 424 3.23 -8.10 -13.35
N SER A 425 2.13 -7.35 -13.24
CA SER A 425 1.29 -7.01 -14.40
C SER A 425 1.50 -5.59 -14.88
N SER A 426 2.61 -4.96 -14.46
CA SER A 426 2.98 -3.63 -14.95
C SER A 426 3.04 -3.60 -16.47
N THR A 427 2.42 -2.60 -17.09
CA THR A 427 2.55 -2.39 -18.54
C THR A 427 4.00 -2.06 -18.95
N PHE A 428 4.83 -1.63 -17.98
CA PHE A 428 6.21 -1.22 -18.22
C PHE A 428 7.27 -2.26 -17.85
N ARG A 429 6.81 -3.43 -17.45
CA ARG A 429 7.70 -4.54 -17.02
C ARG A 429 8.36 -5.10 -18.27
N PRO A 430 9.70 -5.30 -18.30
CA PRO A 430 10.36 -5.94 -19.44
C PRO A 430 9.73 -7.31 -19.74
N GLY A 431 9.39 -7.57 -21.01
CA GLY A 431 8.62 -8.74 -21.41
C GLY A 431 7.11 -8.55 -21.35
N GLY A 432 6.67 -7.39 -20.87
CA GLY A 432 5.26 -7.08 -20.71
C GLY A 432 4.66 -7.57 -19.39
N PRO A 433 3.34 -7.36 -19.18
CA PRO A 433 2.66 -7.90 -18.00
C PRO A 433 2.82 -9.42 -17.98
N LEU A 434 3.11 -9.98 -16.81
CA LEU A 434 3.31 -11.41 -16.61
C LEU A 434 2.16 -12.21 -17.19
N ALA A 435 2.50 -13.19 -18.03
CA ALA A 435 1.56 -14.13 -18.64
C ALA A 435 1.17 -15.19 -17.63
N SER A 436 -0.13 -15.33 -17.37
CA SER A 436 -0.66 -16.41 -16.54
C SER A 436 -0.19 -17.79 -17.00
N THR A 437 0.30 -18.60 -16.06
CA THR A 437 0.47 -20.03 -16.31
C THR A 437 -0.30 -20.79 -15.21
N ALA A 438 -0.59 -22.06 -15.47
CA ALA A 438 -1.15 -22.98 -14.50
C ALA A 438 -0.26 -23.12 -13.25
N ASN A 439 1.06 -23.12 -13.45
CA ASN A 439 1.99 -23.17 -12.31
C ASN A 439 1.99 -21.90 -11.45
N GLU A 440 1.82 -20.76 -12.13
CA GLU A 440 1.90 -19.45 -11.52
C GLU A 440 0.78 -18.59 -12.11
N PRO A 441 -0.50 -18.75 -11.67
CA PRO A 441 -1.61 -17.97 -12.23
C PRO A 441 -1.49 -16.49 -11.88
N VAL A 442 -1.94 -15.62 -12.79
CA VAL A 442 -2.12 -14.21 -12.51
C VAL A 442 -3.43 -13.83 -13.13
N GLN A 443 -4.29 -13.14 -12.36
CA GLN A 443 -5.52 -12.54 -12.86
C GLN A 443 -5.48 -11.05 -12.62
N ILE A 444 -5.98 -10.32 -13.63
CA ILE A 444 -6.17 -8.91 -13.58
C ILE A 444 -7.67 -8.72 -13.54
N ILE A 445 -8.15 -8.07 -12.48
CA ILE A 445 -9.55 -7.78 -12.30
C ILE A 445 -9.92 -6.61 -13.19
N PRO A 446 -10.88 -6.79 -14.12
CA PRO A 446 -11.35 -5.71 -14.99
C PRO A 446 -11.97 -4.53 -14.21
N GLY A 447 -11.51 -3.32 -14.52
CA GLY A 447 -11.85 -2.12 -13.76
C GLY A 447 -11.38 -2.13 -12.31
N GLY A 448 -10.53 -3.11 -11.95
CA GLY A 448 -10.13 -3.28 -10.57
C GLY A 448 -9.30 -2.14 -10.00
N PHE A 449 -9.34 -2.02 -8.67
CA PHE A 449 -8.57 -1.01 -7.96
C PHE A 449 -7.53 -1.72 -7.13
N HIS A 450 -7.20 -1.15 -5.97
CA HIS A 450 -6.22 -1.73 -5.07
C HIS A 450 -6.86 -2.84 -4.21
N CYS A 451 -6.34 -4.07 -4.34
CA CYS A 451 -6.79 -5.25 -3.57
C CYS A 451 -8.29 -5.43 -3.57
N SER A 452 -8.91 -5.33 -4.75
CA SER A 452 -10.35 -5.37 -4.88
C SER A 452 -10.96 -6.74 -4.54
N ASP A 453 -10.15 -7.80 -4.56
CA ASP A 453 -10.60 -9.16 -4.26
C ASP A 453 -10.60 -9.56 -2.78
N LEU A 454 -10.11 -8.69 -1.88
CA LEU A 454 -10.00 -9.02 -0.45
C LEU A 454 -11.33 -8.88 0.30
N TYR A 455 -12.24 -8.06 -0.25
CA TYR A 455 -13.52 -7.69 0.41
C TYR A 455 -14.67 -8.46 -0.26
N MET A 456 -15.43 -9.23 0.50
CA MET A 456 -16.54 -9.97 -0.07
C MET A 456 -17.71 -9.07 -0.49
N ALA A 457 -17.75 -7.82 0.01
CA ALA A 457 -18.67 -6.83 -0.54
C ALA A 457 -18.46 -6.69 -2.07
N ASP A 458 -17.20 -6.73 -2.52
CA ASP A 458 -16.88 -6.61 -3.95
C ASP A 458 -17.28 -7.84 -4.76
N TYR A 459 -17.28 -9.00 -4.10
CA TYR A 459 -17.68 -10.30 -4.70
C TYR A 459 -19.14 -10.22 -5.14
N TYR A 460 -20.00 -9.63 -4.30
CA TYR A 460 -21.47 -9.53 -4.51
C TYR A 460 -21.77 -8.32 -5.39
N ALA A 461 -20.95 -7.28 -5.38
CA ALA A 461 -21.21 -6.11 -6.21
C ALA A 461 -20.84 -6.32 -7.69
N ASN A 462 -19.81 -7.14 -7.96
CA ASN A 462 -19.18 -7.19 -9.28
C ASN A 462 -18.91 -8.60 -9.78
N GLU A 463 -19.37 -8.88 -11.01
CA GLU A 463 -19.21 -10.18 -11.65
C GLU A 463 -17.74 -10.48 -11.95
N GLY A 464 -16.99 -9.47 -12.41
CA GLY A 464 -15.56 -9.59 -12.66
C GLY A 464 -14.79 -10.11 -11.45
N VAL A 465 -15.07 -9.51 -10.29
CA VAL A 465 -14.45 -9.88 -9.02
C VAL A 465 -14.85 -11.25 -8.55
N LYS A 466 -16.14 -11.58 -8.70
CA LYS A 466 -16.66 -12.89 -8.36
C LYS A 466 -15.91 -13.96 -9.16
N LYS A 467 -15.75 -13.70 -10.46
CA LYS A 467 -15.09 -14.64 -11.37
C LYS A 467 -13.69 -14.94 -10.84
N VAL A 468 -12.95 -13.86 -10.56
CA VAL A 468 -11.59 -13.92 -10.13
C VAL A 468 -11.44 -14.63 -8.81
N VAL A 469 -12.36 -14.32 -7.87
CA VAL A 469 -12.38 -14.94 -6.56
C VAL A 469 -12.66 -16.42 -6.64
N ASP A 470 -13.61 -16.81 -7.48
CA ASP A 470 -13.98 -18.22 -7.64
C ASP A 470 -12.80 -19.01 -8.12
N ASN A 471 -12.09 -18.44 -9.10
CA ASN A 471 -10.91 -19.08 -9.65
C ASN A 471 -9.82 -19.26 -8.64
N GLU A 472 -9.48 -18.19 -7.91
CA GLU A 472 -8.34 -18.26 -6.99
C GLU A 472 -8.63 -19.13 -5.76
N VAL A 473 -9.89 -19.11 -5.29
CA VAL A 473 -10.33 -20.01 -4.22
C VAL A 473 -10.23 -21.44 -4.69
N LYS A 474 -10.76 -21.72 -5.87
CA LYS A 474 -10.68 -23.06 -6.42
C LYS A 474 -9.23 -23.51 -6.58
N GLN A 475 -8.33 -22.57 -6.92
CA GLN A 475 -6.92 -22.87 -7.10
C GLN A 475 -6.26 -23.20 -5.76
N ILE A 476 -6.59 -22.44 -4.72
CA ILE A 476 -6.06 -22.69 -3.39
C ILE A 476 -6.60 -24.03 -2.85
N LYS A 477 -7.88 -24.29 -3.10
CA LYS A 477 -8.51 -25.53 -2.69
C LYS A 477 -7.89 -26.77 -3.37
N GLU A 478 -7.61 -26.68 -4.67
CA GLU A 478 -6.96 -27.76 -5.44
C GLU A 478 -5.55 -28.01 -4.91
N TRP A 479 -4.79 -26.94 -4.70
CA TRP A 479 -3.43 -27.05 -4.20
C TRP A 479 -3.41 -27.64 -2.80
N VAL A 480 -4.32 -27.18 -1.95
CA VAL A 480 -4.43 -27.68 -0.59
C VAL A 480 -4.79 -29.18 -0.52
N GLU A 481 -5.76 -29.61 -1.33
CA GLU A 481 -6.12 -31.03 -1.46
C GLU A 481 -4.91 -31.89 -1.92
N GLU A 482 -4.08 -31.34 -2.81
CA GLU A 482 -2.88 -32.01 -3.28
C GLU A 482 -1.94 -32.39 -2.11
N TYR A 483 -1.81 -31.50 -1.12
CA TYR A 483 -0.98 -31.71 0.10
C TYR A 483 -1.36 -33.03 0.77
N TYR A 484 -2.66 -33.36 0.83
CA TYR A 484 -3.18 -34.60 1.47
C TYR A 484 -3.22 -35.78 0.47
N ALA A 485 -2.93 -35.54 -0.82
CA ALA A 485 -2.77 -36.64 -1.79
C ALA A 485 -1.39 -37.31 -1.71
C1 NAG B . -19.98 -16.90 6.13
C2 NAG B . -20.97 -17.80 5.39
C3 NAG B . -22.24 -17.99 6.21
C4 NAG B . -21.91 -18.47 7.62
C5 NAG B . -20.97 -17.45 8.26
C6 NAG B . -20.57 -17.78 9.71
C7 NAG B . -21.37 -17.93 2.98
C8 NAG B . -21.80 -17.20 1.72
N2 NAG B . -21.30 -17.21 4.09
O3 NAG B . -23.11 -18.90 5.52
O4 NAG B . -23.10 -18.65 8.40
O5 NAG B . -19.79 -17.39 7.47
O6 NAG B . -19.81 -18.99 9.74
O7 NAG B . -21.12 -19.12 2.93
C1 NAG B . -23.89 -19.17 8.78
C2 NAG B . -24.55 -19.60 10.11
C3 NAG B . -24.61 -21.12 10.33
C4 NAG B . -24.83 -21.91 9.05
C5 NAG B . -23.80 -21.47 8.03
C6 NAG B . -23.80 -22.32 6.76
C7 NAG B . -24.12 -17.78 11.74
C8 NAG B . -23.26 -17.35 12.89
N2 NAG B . -23.84 -18.99 11.24
O3 NAG B . -25.67 -21.43 11.26
O4 NAG B . -24.73 -23.30 9.34
O5 NAG B . -24.10 -20.11 7.70
O6 NAG B . -25.03 -22.16 6.04
O7 NAG B . -25.01 -17.06 11.29
C1 NAG C . -17.87 13.85 -18.13
C2 NAG C . -17.75 12.33 -18.04
C3 NAG C . -18.83 11.77 -17.12
C4 NAG C . -18.82 12.50 -15.80
C5 NAG C . -19.03 13.99 -16.04
C6 NAG C . -19.13 14.83 -14.76
C7 NAG C . -16.82 11.42 -20.10
C8 NAG C . -17.16 10.85 -21.44
N2 NAG C . -17.87 11.73 -19.34
O3 NAG C . -18.55 10.38 -16.93
O4 NAG C . -19.79 11.96 -14.88
O5 NAG C . -17.94 14.45 -16.83
O6 NAG C . -17.98 14.66 -13.91
O7 NAG C . -15.66 11.57 -19.76
C1 NAG C . -19.95 11.29 -14.12
C2 NAG C . -21.08 11.02 -13.14
C3 NAG C . -20.70 10.12 -11.99
C4 NAG C . -20.06 8.85 -12.51
C5 NAG C . -18.81 9.28 -13.25
C6 NAG C . -17.97 8.12 -13.80
C7 NAG C . -22.70 12.88 -12.98
C8 NAG C . -23.29 12.45 -14.27
N2 NAG C . -21.62 12.23 -12.54
O3 NAG C . -21.92 9.83 -11.32
O4 NAG C . -19.81 7.92 -11.43
O5 NAG C . -19.20 10.10 -14.37
O6 NAG C . -18.80 7.00 -14.06
O7 NAG C . -23.22 13.79 -12.34
C1 BMA C . -20.27 7.24 -10.83
C2 BMA C . -19.62 6.05 -10.11
C3 BMA C . -20.49 4.81 -10.12
C4 BMA C . -21.83 5.17 -9.48
C5 BMA C . -22.53 6.23 -10.31
C6 BMA C . -23.72 6.72 -9.49
O2 BMA C . -19.37 6.43 -8.75
O3 BMA C . -19.88 3.76 -9.34
O4 BMA C . -22.65 4.00 -9.32
O5 BMA C . -21.68 7.35 -10.61
O6 BMA C . -24.63 7.55 -10.25
C1 MAN C . -19.80 2.76 -9.50
C2 MAN C . -19.83 1.83 -8.30
C3 MAN C . -18.51 1.94 -7.53
C4 MAN C . -17.32 1.72 -8.47
C5 MAN C . -17.45 2.61 -9.71
C6 MAN C . -16.35 2.43 -10.74
O2 MAN C . -20.09 0.49 -8.77
O3 MAN C . -18.48 1.01 -6.45
O4 MAN C . -16.13 2.03 -7.77
O5 MAN C . -18.71 2.36 -10.33
O6 MAN C . -16.20 1.04 -11.03
C1 MAN C . -20.81 -0.19 -9.01
C2 MAN C . -20.77 -1.70 -8.74
C3 MAN C . -19.93 -2.36 -9.82
C4 MAN C . -20.55 -2.12 -11.18
C5 MAN C . -20.85 -0.63 -11.38
C6 MAN C . -21.76 -0.42 -12.55
O2 MAN C . -22.09 -2.28 -8.74
O3 MAN C . -19.84 -3.76 -9.56
O4 MAN C . -19.62 -2.56 -12.17
O5 MAN C . -21.50 -0.02 -10.26
O6 MAN C . -21.39 0.81 -13.14
C1 MAN C . -22.82 -2.73 -8.20
C2 MAN C . -24.08 -3.53 -8.51
C3 MAN C . -25.09 -2.60 -9.16
C4 MAN C . -25.40 -1.43 -8.20
C5 MAN C . -24.13 -0.81 -7.60
C6 MAN C . -24.37 0.14 -6.42
O2 MAN C . -24.64 -4.09 -7.30
O3 MAN C . -26.24 -3.34 -9.54
O4 MAN C . -26.11 -0.44 -8.93
O5 MAN C . -23.22 -1.82 -7.18
O6 MAN C . -23.24 1.01 -6.20
C1 MAN C . -25.47 7.97 -9.85
C2 MAN C . -26.22 8.77 -10.91
C3 MAN C . -25.37 9.96 -11.30
C4 MAN C . -25.08 10.80 -10.05
C5 MAN C . -24.61 9.96 -8.87
C6 MAN C . -24.63 10.76 -7.58
O2 MAN C . -27.45 9.22 -10.34
O3 MAN C . -26.01 10.73 -12.32
O4 MAN C . -24.10 11.78 -10.40
O5 MAN C . -25.43 8.80 -8.68
O6 MAN C . -25.97 10.98 -7.11
C1 MAN C . -26.14 10.66 -13.34
C2 MAN C . -26.65 11.79 -14.22
C3 MAN C . -28.17 11.80 -14.24
C4 MAN C . -28.72 10.42 -14.60
C5 MAN C . -28.01 9.31 -13.81
C6 MAN C . -28.43 7.90 -14.26
O2 MAN C . -26.17 11.63 -15.58
O3 MAN C . -28.67 12.76 -15.19
O4 MAN C . -30.11 10.43 -14.28
O5 MAN C . -26.60 9.46 -13.96
O6 MAN C . -28.10 6.96 -13.23
C1 MAN C . -25.84 12.14 -16.40
C2 MAN C . -26.57 12.44 -17.70
C3 MAN C . -26.48 11.22 -18.63
C4 MAN C . -24.99 10.95 -18.92
C5 MAN C . -24.25 10.79 -17.59
C6 MAN C . -22.74 10.61 -17.75
O2 MAN C . -25.94 13.59 -18.30
O3 MAN C . -27.25 11.43 -19.81
O4 MAN C . -24.86 9.78 -19.72
O5 MAN C . -24.47 11.93 -16.78
O6 MAN C . -22.20 10.18 -16.49
C1 MAN C . -26.72 10.65 -6.50
C2 MAN C . -28.18 11.15 -6.48
C3 MAN C . -28.26 12.39 -5.59
C4 MAN C . -27.53 12.28 -4.24
C5 MAN C . -26.20 11.54 -4.33
C6 MAN C . -25.72 11.17 -2.94
O2 MAN C . -29.10 10.10 -6.07
O3 MAN C . -29.64 12.70 -5.36
O4 MAN C . -27.26 13.59 -3.71
O5 MAN C . -26.31 10.38 -5.14
O6 MAN C . -24.77 10.09 -3.03
C1 NAG D . -10.17 28.71 1.71
C2 NAG D . -11.57 29.03 2.26
C3 NAG D . -11.64 30.18 3.25
C4 NAG D . -10.59 30.03 4.34
C5 NAG D . -9.23 29.77 3.65
C6 NAG D . -8.12 29.52 4.64
C7 NAG D . -13.53 28.56 0.92
C8 NAG D . -14.38 29.01 -0.23
N2 NAG D . -12.47 29.33 1.17
O3 NAG D . -12.95 30.12 3.82
O4 NAG D . -10.61 31.17 5.23
O5 NAG D . -9.29 28.59 2.83
O6 NAG D . -6.93 29.38 3.88
O7 NAG D . -13.77 27.55 1.58
C1 NAG D . -11.05 31.61 6.06
C2 NAG D . -10.35 32.49 7.12
C3 NAG D . -11.03 32.49 8.48
C4 NAG D . -12.53 32.61 8.31
C5 NAG D . -13.00 31.31 7.63
C6 NAG D . -14.39 31.45 7.00
C7 NAG D . -7.98 32.65 6.64
C8 NAG D . -6.60 32.21 7.03
N2 NAG D . -8.97 32.10 7.33
O3 NAG D . -10.53 33.58 9.26
O4 NAG D . -13.18 32.84 9.58
O5 NAG D . -12.08 30.78 6.65
O6 NAG D . -14.46 32.68 6.29
O7 NAG D . -8.18 33.46 5.75
C1 BMA D . -13.81 33.16 10.34
C2 BMA D . -13.46 33.97 11.60
C3 BMA D . -14.61 34.84 12.09
C4 BMA D . -15.98 34.22 11.80
C5 BMA D . -15.88 32.69 11.65
C6 BMA D . -17.25 32.08 11.33
O2 BMA D . -12.30 34.79 11.34
O3 BMA D . -14.56 36.14 11.47
O4 BMA D . -16.89 34.55 12.87
O5 BMA D . -14.96 32.32 10.60
O6 BMA D . -18.20 32.47 12.34
C1 NAG E . 8.29 24.19 12.54
C2 NAG E . 7.67 25.57 12.75
C3 NAG E . 7.53 25.93 14.23
C4 NAG E . 6.86 24.79 14.99
C5 NAG E . 7.67 23.51 14.74
C6 NAG E . 7.17 22.31 15.56
C7 NAG E . 8.04 27.21 10.98
C8 NAG E . 9.00 28.23 10.43
N2 NAG E . 8.46 26.57 12.07
O3 NAG E . 6.75 27.12 14.34
O4 NAG E . 6.78 25.12 16.39
O5 NAG E . 7.63 23.20 13.34
O6 NAG E . 5.78 22.10 15.37
O7 NAG E . 6.97 26.99 10.46
C1 NAG E . 6.41 25.68 17.16
C2 NAG E . 6.20 25.48 18.69
C3 NAG E . 4.76 25.69 19.17
C4 NAG E . 4.16 26.90 18.49
C5 NAG E . 4.23 26.70 16.99
C6 NAG E . 3.47 27.75 16.21
C7 NAG E . 7.97 23.82 19.13
C8 NAG E . 8.30 22.41 19.55
N2 NAG E . 6.67 24.15 19.09
O3 NAG E . 4.73 25.90 20.58
O4 NAG E . 2.80 27.08 18.92
O5 NAG E . 5.61 26.75 16.62
O6 NAG E . 3.52 29.00 16.89
O7 NAG E . 8.87 24.61 18.83
C1 NAG F . -2.33 -29.07 25.57
C2 NAG F . -1.60 -29.23 26.92
C3 NAG F . -2.41 -30.10 27.90
C4 NAG F . -3.84 -29.57 28.02
C5 NAG F . -4.49 -29.48 26.64
C6 NAG F . -5.89 -28.88 26.71
C7 NAG F . 0.86 -29.09 26.72
C8 NAG F . 2.13 -29.87 26.51
N2 NAG F . -0.27 -29.80 26.72
O3 NAG F . -1.81 -30.12 29.19
O4 NAG F . -4.59 -30.44 28.88
O5 NAG F . -3.69 -28.66 25.77
O6 NAG F . -6.68 -29.52 27.71
O7 NAG F . 0.89 -27.87 26.85
C1 NAG G . 9.32 27.43 -18.92
C2 NAG G . 8.64 26.18 -19.50
C3 NAG G . 9.42 25.42 -20.59
C4 NAG G . 10.28 26.31 -21.49
C5 NAG G . 11.08 27.25 -20.58
C6 NAG G . 12.04 28.14 -21.37
C7 NAG G . 7.15 24.87 -18.04
C8 NAG G . 7.07 23.85 -16.94
N2 NAG G . 8.37 25.24 -18.42
O3 NAG G . 8.52 24.67 -21.42
O4 NAG G . 11.14 25.53 -22.34
O5 NAG G . 10.16 28.09 -19.88
O6 NAG G . 11.28 29.06 -22.16
O7 NAG G . 6.13 25.31 -18.56
C1 NAG H . 12.99 -24.31 -9.71
C2 NAG H . 14.06 -25.21 -10.35
C3 NAG H . 14.03 -26.60 -9.73
C4 NAG H . 14.14 -26.52 -8.22
C5 NAG H . 12.96 -25.68 -7.74
C6 NAG H . 12.87 -25.60 -6.22
C7 NAG H . 14.42 -24.45 -12.66
C8 NAG H . 14.06 -24.68 -14.11
N2 NAG H . 13.84 -25.29 -11.78
O3 NAG H . 15.12 -27.40 -10.22
O4 NAG H . 14.18 -27.83 -7.63
O5 NAG H . 13.11 -24.36 -8.29
O6 NAG H . 13.96 -24.81 -5.73
O7 NAG H . 15.17 -23.56 -12.32
C1 GOL I . -3.84 11.54 5.07
O1 GOL I . -3.25 11.34 3.80
C2 GOL I . -4.97 12.54 5.00
O2 GOL I . -6.07 11.98 4.29
C3 GOL I . -5.43 13.02 6.36
O3 GOL I . -6.53 13.92 6.25
C1 GOL J . -23.67 7.34 -14.10
O1 GOL J . -22.52 7.17 -14.94
C2 GOL J . -24.94 6.88 -14.80
O2 GOL J . -25.18 7.66 -15.97
C3 GOL J . -24.93 5.41 -15.16
O3 GOL J . -25.74 4.65 -14.28
C1 PEG K . -12.44 -5.31 7.22
O1 PEG K . -13.49 -5.94 6.50
C2 PEG K . -12.48 -3.83 7.09
O2 PEG K . -11.17 -3.30 7.25
C3 PEG K . -10.91 -2.83 8.58
C4 PEG K . -9.62 -2.08 8.62
O4 PEG K . -9.67 -0.90 7.86
O1 PG4 L . 1.06 -0.59 0.67
C1 PG4 L . 1.22 0.74 0.20
C2 PG4 L . 0.11 1.66 0.61
O2 PG4 L . 0.58 3.00 0.76
C3 PG4 L . -0.24 3.97 0.12
C4 PG4 L . 0.35 5.34 0.26
O3 PG4 L . -0.26 6.22 -0.69
C5 PG4 L . -1.16 7.17 -0.13
C6 PG4 L . -2.56 6.94 -0.65
O4 PG4 L . -3.50 6.99 0.43
C7 PG4 L . -4.84 6.74 0.02
C8 PG4 L . -5.77 7.63 0.79
O5 PG4 L . -6.18 8.76 0.04
OH2 1PE M . -2.69 0.74 5.32
C12 1PE M . -2.80 -0.65 5.09
C22 1PE M . -2.80 -1.00 3.64
OH3 1PE M . -4.13 -1.22 3.18
C13 1PE M . -5.65 -1.69 1.40
C23 1PE M . -4.22 -1.43 1.78
OH4 1PE M . -6.02 -3.00 1.82
C14 1PE M . -8.39 -3.29 1.41
C24 1PE M . -6.99 -3.63 0.97
OH5 1PE M . -9.14 -2.75 0.33
C15 1PE M . -9.93 -0.65 -0.57
C25 1PE M . -8.74 -1.44 -0.07
OH6 1PE M . -10.50 0.08 0.50
C16 1PE M . -12.86 0.22 0.91
C26 1PE M . -11.69 0.79 0.16
OH7 1PE M . -12.74 0.38 2.31
#